data_2XFY
#
_entry.id   2XFY
#
_cell.length_a   68.846
_cell.length_b   71.466
_cell.length_c   92.472
_cell.angle_alpha   90.00
_cell.angle_beta   90.00
_cell.angle_gamma   90.00
#
_symmetry.space_group_name_H-M   'P 21 21 21'
#
loop_
_entity.id
_entity.type
_entity.pdbx_description
1 polymer BETA-AMYLASE
2 branched Cyclohexakis-(1-4)-(alpha-D-glucopyranose)
3 non-polymer 1,2-ETHANEDIOL
4 water water
#
_entity_poly.entity_id   1
_entity_poly.type   'polypeptide(L)'
_entity_poly.pdbx_seq_one_letter_code
;MEVNVKGNYVQVYVMLPLDAVSVNNRFEKGDELRAQLRKLVEAGVDGVMVDVWWGLVEGKGPKAYDWSAYKQLFELVQKA
GLKLQAIMSFHQCGGNVGDAVNIPIPQWVRDVGTRDPDIFYTDGHGTRNIEYLTLGVDNQPLFHGRSAVQMYADYMTSFR
ENMKEFLDAGVIVDIEVGLGPAGEMRYPSYPQSHGWSFPGIGEFICYDKYLQADFKAAAAAVGHPEWEFPNDVGQYNDTP
ERTQFFRDNGTYLSEKGRFFLAWYSNNLIKHGDRILDEANKVFLGYKVQLAIKISGIHWWYKVPSHAAELTAGYYNLHDR
DGYRTIARMLKRHRASINFTCAEMRDSEQSSQAMSAPEELVQQVLSAGWREGLNVACENALPRYDPTAYNTILRNARPHG
INQSGPPEHKLFGFTYLRLSNQLVEGQNYANFKTFVDRMHANLPRDPYVDPMAPLPRSGPEISIEMILQAAQPKLQPFPF
QEHTDLPVGPTGGMGGQAEGPTCGMGGQVKGPTGGMGGQAEDPTSGIGGELPATM
;
_entity_poly.pdbx_strand_id   A
#
loop_
_chem_comp.id
_chem_comp.type
_chem_comp.name
_chem_comp.formula
EDO non-polymer 1,2-ETHANEDIOL 'C2 H6 O2'
GLC D-saccharide, alpha linking alpha-D-glucopyranose 'C6 H12 O6'
#
# COMPACT_ATOMS: atom_id res chain seq x y z
N ASN A 4 -13.34 -16.01 -27.41
CA ASN A 4 -11.96 -15.55 -27.08
C ASN A 4 -11.97 -14.87 -25.72
N VAL A 5 -11.50 -15.60 -24.72
CA VAL A 5 -11.54 -15.10 -23.35
C VAL A 5 -10.25 -14.46 -22.85
N LYS A 6 -9.28 -14.20 -23.72
CA LYS A 6 -7.96 -13.67 -23.32
C LYS A 6 -8.04 -12.37 -22.50
N GLY A 7 -8.99 -11.49 -22.81
CA GLY A 7 -9.11 -10.23 -22.07
C GLY A 7 -9.50 -10.39 -20.60
N ASN A 8 -9.87 -11.58 -20.20
CA ASN A 8 -10.20 -11.91 -18.81
C ASN A 8 -9.02 -12.26 -17.91
N TYR A 9 -7.88 -12.52 -18.52
CA TYR A 9 -6.68 -12.94 -17.78
C TYR A 9 -6.25 -11.89 -16.75
N VAL A 10 -6.06 -12.31 -15.51
CA VAL A 10 -5.56 -11.45 -14.44
C VAL A 10 -4.21 -12.03 -13.99
N GLN A 11 -3.18 -11.17 -14.07
CA GLN A 11 -1.86 -11.59 -13.61
C GLN A 11 -1.83 -11.86 -12.11
N VAL A 12 -1.02 -12.86 -11.75
CA VAL A 12 -0.76 -13.25 -10.38
C VAL A 12 0.74 -13.14 -10.09
N TYR A 13 1.03 -12.30 -9.11
CA TYR A 13 2.36 -12.15 -8.53
C TYR A 13 2.39 -12.78 -7.15
N VAL A 14 3.58 -13.18 -6.68
CA VAL A 14 3.75 -13.69 -5.32
C VAL A 14 4.80 -12.85 -4.61
N MET A 15 4.46 -12.37 -3.41
CA MET A 15 5.42 -11.63 -2.60
C MET A 15 6.49 -12.57 -2.09
N LEU A 16 7.75 -12.16 -2.22
CA LEU A 16 8.86 -12.93 -1.71
C LEU A 16 8.90 -12.84 -0.17
N PRO A 17 9.61 -13.74 0.50
CA PRO A 17 9.77 -13.58 1.95
C PRO A 17 10.41 -12.24 2.36
N LEU A 18 10.09 -11.81 3.58
CA LEU A 18 10.60 -10.54 4.08
C LEU A 18 12.12 -10.54 4.21
N ASP A 19 12.67 -11.76 4.39
CA ASP A 19 14.12 -12.08 4.43
C ASP A 19 14.75 -12.49 3.09
N ALA A 20 14.13 -12.13 1.97
CA ALA A 20 14.69 -12.45 0.63
C ALA A 20 16.15 -11.98 0.57
N VAL A 21 16.40 -10.81 1.13
CA VAL A 21 17.73 -10.28 1.37
C VAL A 21 17.91 -10.24 2.89
N SER A 22 19.05 -10.68 3.39
CA SER A 22 19.24 -10.79 4.81
C SER A 22 19.30 -9.42 5.48
N VAL A 23 19.14 -9.43 6.79
CA VAL A 23 19.21 -8.22 7.59
C VAL A 23 20.58 -7.56 7.54
N ASN A 24 21.56 -8.28 6.99
CA ASN A 24 22.92 -7.86 6.80
CA ASN A 24 22.91 -7.70 6.80
C ASN A 24 23.17 -7.30 5.35
N ASN A 25 22.11 -7.19 4.56
CA ASN A 25 22.19 -6.77 3.16
C ASN A 25 23.08 -7.73 2.38
N ARG A 26 22.89 -9.03 2.58
CA ARG A 26 23.55 -10.07 1.77
C ARG A 26 22.46 -10.98 1.23
N PHE A 27 22.70 -11.51 0.04
CA PHE A 27 21.78 -12.45 -0.56
C PHE A 27 22.28 -13.85 -0.24
N GLU A 28 21.62 -14.48 0.73
CA GLU A 28 22.19 -15.72 1.25
CA GLU A 28 22.12 -15.67 1.42
C GLU A 28 21.25 -16.89 1.21
N LYS A 29 20.09 -16.74 0.58
CA LYS A 29 19.14 -17.84 0.52
C LYS A 29 18.74 -18.09 -0.95
N GLY A 30 19.70 -17.90 -1.87
CA GLY A 30 19.55 -18.13 -3.30
C GLY A 30 19.08 -19.50 -3.73
N ASP A 31 19.66 -20.53 -3.14
CA ASP A 31 19.30 -21.88 -3.55
C ASP A 31 17.90 -22.27 -3.12
N GLU A 32 17.55 -21.90 -1.89
CA GLU A 32 16.20 -22.11 -1.39
C GLU A 32 15.19 -21.38 -2.26
N LEU A 33 15.47 -20.11 -2.54
CA LEU A 33 14.58 -19.30 -3.35
C LEU A 33 14.43 -19.88 -4.75
N ARG A 34 15.55 -20.30 -5.39
CA ARG A 34 15.45 -20.88 -6.70
CA ARG A 34 15.48 -20.90 -6.72
C ARG A 34 14.52 -22.10 -6.69
N ALA A 35 14.61 -22.96 -5.67
CA ALA A 35 13.75 -24.14 -5.57
C ALA A 35 12.27 -23.77 -5.41
N GLN A 36 12.00 -22.73 -4.59
CA GLN A 36 10.65 -22.24 -4.42
C GLN A 36 10.11 -21.64 -5.71
N LEU A 37 10.95 -20.89 -6.42
CA LEU A 37 10.51 -20.25 -7.69
C LEU A 37 10.20 -21.31 -8.74
N ARG A 38 10.90 -22.44 -8.75
CA ARG A 38 10.51 -23.55 -9.64
C ARG A 38 9.05 -23.92 -9.41
N LYS A 39 8.65 -24.00 -8.15
CA LYS A 39 7.25 -24.33 -7.85
C LYS A 39 6.27 -23.25 -8.32
N LEU A 40 6.68 -21.98 -8.24
CA LEU A 40 5.84 -20.90 -8.75
C LEU A 40 5.75 -20.97 -10.27
N VAL A 41 6.85 -21.29 -10.94
CA VAL A 41 6.84 -21.46 -12.39
C VAL A 41 5.97 -22.65 -12.84
N GLU A 42 6.06 -23.74 -12.10
CA GLU A 42 5.21 -24.91 -12.35
C GLU A 42 3.75 -24.49 -12.25
N ALA A 43 3.42 -23.53 -11.38
CA ALA A 43 2.04 -23.06 -11.18
C ALA A 43 1.59 -21.98 -12.19
N GLY A 44 2.50 -21.46 -13.01
CA GLY A 44 2.16 -20.47 -14.01
C GLY A 44 2.17 -19.01 -13.55
N VAL A 45 2.79 -18.75 -12.40
CA VAL A 45 2.82 -17.38 -11.84
C VAL A 45 3.47 -16.39 -12.81
N ASP A 46 2.92 -15.18 -12.86
CA ASP A 46 3.47 -14.14 -13.76
C ASP A 46 4.75 -13.51 -13.24
N GLY A 47 4.85 -13.33 -11.94
CA GLY A 47 6.04 -12.71 -11.37
C GLY A 47 6.05 -12.72 -9.86
N VAL A 48 7.02 -12.02 -9.32
CA VAL A 48 7.15 -11.86 -7.86
C VAL A 48 7.23 -10.39 -7.50
N MET A 49 7.08 -10.14 -6.20
CA MET A 49 7.15 -8.78 -5.67
CA MET A 49 7.13 -8.76 -5.66
C MET A 49 8.10 -8.79 -4.48
N VAL A 50 8.85 -7.70 -4.32
CA VAL A 50 9.80 -7.64 -3.25
C VAL A 50 9.97 -6.28 -2.67
N ASP A 51 10.15 -6.25 -1.35
CA ASP A 51 10.54 -5.05 -0.65
CA ASP A 51 10.53 -5.09 -0.61
C ASP A 51 12.00 -4.72 -0.89
N VAL A 52 12.28 -3.48 -1.28
CA VAL A 52 13.65 -3.02 -1.48
C VAL A 52 13.95 -2.06 -0.33
N TRP A 53 14.53 -2.60 0.75
CA TRP A 53 14.60 -1.93 2.03
C TRP A 53 15.63 -0.80 2.08
N TRP A 54 15.14 0.41 2.37
CA TRP A 54 15.98 1.58 2.51
C TRP A 54 17.07 1.36 3.58
N GLY A 55 16.69 0.76 4.71
CA GLY A 55 17.62 0.51 5.79
C GLY A 55 18.71 -0.48 5.41
N LEU A 56 18.49 -1.37 4.44
CA LEU A 56 19.56 -2.22 3.95
C LEU A 56 20.46 -1.47 2.99
N VAL A 57 19.90 -0.77 2.02
CA VAL A 57 20.67 -0.26 0.89
C VAL A 57 21.42 1.02 1.22
N GLU A 58 20.80 1.95 1.93
CA GLU A 58 21.44 3.22 2.32
C GLU A 58 21.77 3.24 3.79
N GLY A 59 22.07 2.04 4.32
CA GLY A 59 22.44 1.97 5.75
C GLY A 59 23.81 2.60 6.17
N LYS A 60 24.80 2.69 5.30
CA LYS A 60 26.15 3.15 5.72
C LYS A 60 26.16 4.63 6.07
N GLY A 61 25.51 5.42 5.25
CA GLY A 61 25.61 6.82 5.28
C GLY A 61 24.92 7.39 4.08
N PRO A 62 24.79 8.72 4.03
CA PRO A 62 24.11 9.34 2.90
C PRO A 62 24.72 9.01 1.59
N LYS A 63 23.89 8.53 0.67
CA LYS A 63 24.25 8.25 -0.71
C LYS A 63 25.22 7.08 -0.84
N ALA A 64 25.43 6.33 0.24
CA ALA A 64 26.31 5.17 0.19
C ALA A 64 25.52 3.92 -0.16
N TYR A 65 24.91 3.89 -1.33
CA TYR A 65 24.01 2.82 -1.68
C TYR A 65 24.77 1.54 -1.99
N ASP A 66 24.30 0.46 -1.40
CA ASP A 66 24.87 -0.87 -1.61
C ASP A 66 23.83 -1.77 -2.23
N TRP A 67 23.85 -1.85 -3.55
CA TRP A 67 22.86 -2.63 -4.34
C TRP A 67 23.25 -4.07 -4.60
N SER A 68 24.37 -4.51 -4.05
CA SER A 68 24.90 -5.84 -4.36
CA SER A 68 24.93 -5.82 -4.36
C SER A 68 23.93 -6.99 -4.19
N ALA A 69 23.28 -7.08 -3.05
CA ALA A 69 22.38 -8.15 -2.76
C ALA A 69 21.15 -8.12 -3.64
N TYR A 70 20.55 -6.94 -3.80
CA TYR A 70 19.39 -6.81 -4.65
C TYR A 70 19.69 -7.18 -6.09
N LYS A 71 20.85 -6.80 -6.62
CA LYS A 71 21.17 -7.18 -7.98
C LYS A 71 21.27 -8.70 -8.15
N GLN A 72 21.81 -9.39 -7.15
CA GLN A 72 21.89 -10.85 -7.18
CA GLN A 72 21.87 -10.84 -7.18
C GLN A 72 20.48 -11.44 -7.15
N LEU A 73 19.62 -10.92 -6.29
CA LEU A 73 18.24 -11.38 -6.25
CA LEU A 73 18.23 -11.37 -6.23
C LEU A 73 17.53 -11.19 -7.58
N PHE A 74 17.65 -10.00 -8.15
CA PHE A 74 16.95 -9.68 -9.38
C PHE A 74 17.46 -10.55 -10.54
N GLU A 75 18.75 -10.85 -10.58
CA GLU A 75 19.31 -11.76 -11.58
C GLU A 75 18.70 -13.16 -11.45
N LEU A 76 18.52 -13.63 -10.21
CA LEU A 76 17.90 -14.94 -10.01
CA LEU A 76 17.91 -14.94 -10.01
C LEU A 76 16.46 -14.93 -10.54
N VAL A 77 15.70 -13.90 -10.22
CA VAL A 77 14.32 -13.79 -10.71
C VAL A 77 14.27 -13.77 -12.25
N GLN A 78 15.15 -12.99 -12.87
CA GLN A 78 15.25 -12.92 -14.32
C GLN A 78 15.52 -14.33 -14.87
N LYS A 79 16.49 -15.03 -14.30
CA LYS A 79 16.85 -16.35 -14.76
CA LYS A 79 16.85 -16.36 -14.76
C LYS A 79 15.78 -17.41 -14.53
N ALA A 80 14.78 -17.10 -13.74
CA ALA A 80 13.59 -17.95 -13.55
C ALA A 80 12.47 -17.64 -14.55
N GLY A 81 12.66 -16.63 -15.39
CA GLY A 81 11.65 -16.22 -16.35
C GLY A 81 10.47 -15.47 -15.75
N LEU A 82 10.62 -14.94 -14.55
CA LEU A 82 9.56 -14.21 -13.85
C LEU A 82 9.74 -12.70 -13.96
N LYS A 83 8.59 -12.00 -13.99
CA LYS A 83 8.64 -10.56 -13.85
CA LYS A 83 8.55 -10.56 -13.86
C LYS A 83 8.74 -10.16 -12.37
N LEU A 84 8.95 -8.87 -12.14
CA LEU A 84 9.34 -8.39 -10.84
CA LEU A 84 9.22 -8.42 -10.79
C LEU A 84 8.63 -7.05 -10.59
N GLN A 85 7.96 -6.93 -9.44
CA GLN A 85 7.42 -5.67 -8.90
CA GLN A 85 7.48 -5.64 -8.93
C GLN A 85 8.31 -5.28 -7.73
N ALA A 86 8.80 -4.06 -7.72
CA ALA A 86 9.77 -3.59 -6.72
C ALA A 86 9.09 -2.53 -5.85
N ILE A 87 9.12 -2.73 -4.51
CA ILE A 87 8.64 -1.73 -3.57
C ILE A 87 9.80 -0.87 -3.10
N MET A 88 9.66 0.44 -3.23
CA MET A 88 10.61 1.40 -2.64
C MET A 88 10.24 1.51 -1.16
N SER A 89 10.93 0.74 -0.31
CA SER A 89 10.49 0.50 1.04
C SER A 89 11.21 1.43 2.00
N PHE A 90 10.63 2.62 2.20
CA PHE A 90 11.17 3.71 3.02
C PHE A 90 10.72 3.63 4.47
N HIS A 91 10.61 2.40 5.01
CA HIS A 91 10.00 2.14 6.31
C HIS A 91 10.68 0.97 6.96
N GLN A 92 10.39 0.81 8.25
CA GLN A 92 10.91 -0.29 9.04
C GLN A 92 10.18 -1.58 8.70
N CYS A 93 10.95 -2.65 8.56
CA CYS A 93 10.48 -4.02 8.52
C CYS A 93 10.46 -4.56 9.98
N GLY A 94 9.33 -5.13 10.37
CA GLY A 94 9.20 -5.72 11.68
C GLY A 94 9.24 -4.70 12.81
N GLY A 95 9.88 -5.15 13.88
CA GLY A 95 9.93 -4.39 15.13
C GLY A 95 8.72 -4.56 16.04
N ASN A 96 7.83 -5.50 15.74
CA ASN A 96 6.73 -5.80 16.66
C ASN A 96 7.02 -7.11 17.34
N VAL A 97 6.24 -7.39 18.37
CA VAL A 97 6.47 -8.58 19.15
C VAL A 97 6.30 -9.83 18.29
N GLY A 98 7.32 -10.67 18.28
CA GLY A 98 7.29 -11.93 17.55
C GLY A 98 7.75 -11.82 16.09
N ASP A 99 8.08 -10.62 15.61
CA ASP A 99 8.58 -10.48 14.23
C ASP A 99 9.98 -11.05 14.10
N ALA A 100 10.15 -11.92 13.11
CA ALA A 100 11.44 -12.57 12.87
C ALA A 100 12.42 -11.71 12.11
N VAL A 101 11.92 -10.85 11.23
CA VAL A 101 12.80 -10.06 10.38
C VAL A 101 12.63 -8.61 10.74
N ASN A 102 13.73 -8.00 11.21
CA ASN A 102 13.71 -6.62 11.79
C ASN A 102 14.77 -5.75 11.08
N ILE A 103 14.30 -4.77 10.32
CA ILE A 103 15.15 -3.91 9.50
C ILE A 103 14.66 -2.49 9.67
N PRO A 104 15.32 -1.70 10.49
CA PRO A 104 14.92 -0.33 10.70
C PRO A 104 15.33 0.54 9.53
N ILE A 105 14.81 1.77 9.46
CA ILE A 105 15.32 2.77 8.52
C ILE A 105 16.75 3.12 8.88
N PRO A 106 17.52 3.76 8.00
CA PRO A 106 18.94 3.91 8.28
C PRO A 106 19.26 4.57 9.61
N GLN A 107 20.27 4.05 10.29
CA GLN A 107 20.66 4.57 11.61
C GLN A 107 21.04 6.04 11.54
N TRP A 108 21.77 6.45 10.50
CA TRP A 108 22.16 7.83 10.37
C TRP A 108 20.97 8.77 10.20
N VAL A 109 19.86 8.28 9.62
CA VAL A 109 18.64 9.07 9.60
C VAL A 109 18.04 9.19 11.02
N ARG A 110 17.95 8.07 11.73
CA ARG A 110 17.44 8.08 13.09
C ARG A 110 18.30 8.92 14.00
N ASP A 111 19.61 9.05 13.74
CA ASP A 111 20.46 9.87 14.60
C ASP A 111 19.99 11.32 14.60
N VAL A 112 19.40 11.80 13.50
CA VAL A 112 18.87 13.16 13.44
C VAL A 112 17.79 13.37 14.52
N GLY A 113 17.06 12.30 14.82
CA GLY A 113 16.01 12.29 15.85
C GLY A 113 16.44 12.51 17.28
N THR A 114 17.72 12.35 17.57
CA THR A 114 18.26 12.66 18.90
C THR A 114 18.14 14.14 19.24
N ARG A 115 18.51 15.03 18.32
CA ARG A 115 18.35 16.46 18.51
CA ARG A 115 18.33 16.46 18.58
C ARG A 115 16.97 16.93 18.00
N ASP A 116 16.33 16.18 17.09
CA ASP A 116 15.02 16.57 16.51
C ASP A 116 14.06 15.41 16.51
N PRO A 117 13.41 15.13 17.66
CA PRO A 117 12.53 13.95 17.74
C PRO A 117 11.24 14.09 16.93
N ASP A 118 10.98 15.31 16.46
CA ASP A 118 9.80 15.62 15.67
C ASP A 118 9.95 15.23 14.21
N ILE A 119 11.02 14.52 13.83
CA ILE A 119 11.10 13.87 12.54
C ILE A 119 10.18 12.66 12.42
N PHE A 120 9.64 12.19 13.55
CA PHE A 120 8.77 11.01 13.66
C PHE A 120 7.32 11.42 13.90
N TYR A 121 6.38 10.74 13.26
CA TYR A 121 4.99 10.86 13.63
C TYR A 121 4.86 10.63 15.13
N THR A 122 4.11 11.48 15.79
CA THR A 122 3.98 11.53 17.25
C THR A 122 2.49 11.60 17.60
N ASP A 123 2.11 10.83 18.63
CA ASP A 123 0.75 10.82 19.12
C ASP A 123 0.52 11.83 20.26
N GLY A 124 -0.71 11.91 20.73
CA GLY A 124 -1.11 12.90 21.70
C GLY A 124 -0.53 12.71 23.07
N HIS A 125 0.02 11.54 23.34
CA HIS A 125 0.78 11.15 24.51
CA HIS A 125 0.81 11.42 24.58
C HIS A 125 2.26 11.62 24.43
N GLY A 126 2.71 11.97 23.22
CA GLY A 126 4.11 12.23 22.91
C GLY A 126 4.91 11.06 22.39
N THR A 127 4.28 9.91 22.25
CA THR A 127 5.00 8.72 21.79
C THR A 127 5.44 8.91 20.33
N ARG A 128 6.71 8.69 20.07
CA ARG A 128 7.30 8.77 18.74
C ARG A 128 7.24 7.41 18.04
N ASN A 129 6.77 7.38 16.82
CA ASN A 129 6.81 6.15 15.99
C ASN A 129 8.02 6.22 15.10
N ILE A 130 8.95 5.28 15.29
CA ILE A 130 10.26 5.35 14.62
C ILE A 130 10.33 4.59 13.29
N GLU A 131 9.18 4.16 12.76
CA GLU A 131 9.16 3.34 11.56
CA GLU A 131 9.10 3.33 11.55
C GLU A 131 9.29 4.08 10.25
N TYR A 132 9.11 5.41 10.26
CA TYR A 132 8.93 6.20 9.04
C TYR A 132 9.09 7.69 9.42
N LEU A 133 9.47 8.52 8.46
CA LEU A 133 9.59 9.95 8.70
C LEU A 133 8.28 10.69 8.48
N THR A 134 7.88 11.53 9.42
CA THR A 134 6.66 12.28 9.25
C THR A 134 6.61 12.99 7.90
N LEU A 135 5.44 13.02 7.29
CA LEU A 135 5.23 13.84 6.12
C LEU A 135 5.53 15.31 6.37
N GLY A 136 5.48 15.73 7.64
CA GLY A 136 5.86 17.10 7.98
C GLY A 136 7.28 17.47 7.65
N VAL A 137 8.19 16.50 7.46
CA VAL A 137 9.56 16.81 7.08
C VAL A 137 9.87 16.48 5.62
N ASP A 138 8.83 16.26 4.83
CA ASP A 138 9.00 16.00 3.41
C ASP A 138 9.93 17.03 2.75
N ASN A 139 9.75 18.31 3.07
CA ASN A 139 10.50 19.40 2.43
C ASN A 139 11.34 20.16 3.43
N GLN A 140 11.69 19.56 4.56
CA GLN A 140 12.57 20.16 5.54
CA GLN A 140 12.57 20.16 5.54
C GLN A 140 13.96 19.59 5.39
N PRO A 141 14.98 20.47 5.19
CA PRO A 141 16.34 19.99 4.85
C PRO A 141 17.16 19.60 6.08
N LEU A 142 16.68 18.58 6.77
CA LEU A 142 17.17 18.23 8.09
C LEU A 142 18.22 17.12 8.11
N PHE A 143 18.43 16.47 6.97
CA PHE A 143 19.16 15.20 6.93
C PHE A 143 20.47 15.43 6.18
N HIS A 144 21.46 16.01 6.87
CA HIS A 144 22.72 16.42 6.26
C HIS A 144 22.49 17.19 4.99
N GLY A 145 21.55 18.14 5.06
CA GLY A 145 21.27 19.02 3.98
C GLY A 145 20.14 18.61 3.05
N ARG A 146 19.69 17.35 3.12
CA ARG A 146 18.61 16.87 2.26
C ARG A 146 17.30 16.81 3.07
N SER A 147 16.20 17.02 2.34
CA SER A 147 14.87 16.74 2.86
C SER A 147 14.51 15.28 2.68
N ALA A 148 13.42 14.86 3.33
CA ALA A 148 12.98 13.49 3.14
C ALA A 148 12.64 13.18 1.68
N VAL A 149 11.92 14.09 1.01
CA VAL A 149 11.58 13.84 -0.39
C VAL A 149 12.86 13.72 -1.23
N GLN A 150 13.87 14.57 -0.96
CA GLN A 150 15.11 14.43 -1.69
C GLN A 150 15.76 13.07 -1.48
N MET A 151 15.74 12.60 -0.23
CA MET A 151 16.29 11.26 0.04
C MET A 151 15.54 10.20 -0.77
N TYR A 152 14.21 10.32 -0.82
CA TYR A 152 13.42 9.31 -1.53
C TYR A 152 13.75 9.36 -3.04
N ALA A 153 13.81 10.57 -3.60
CA ALA A 153 14.12 10.77 -5.01
C ALA A 153 15.50 10.25 -5.36
N ASP A 154 16.48 10.53 -4.51
CA ASP A 154 17.84 10.09 -4.74
C ASP A 154 17.97 8.56 -4.68
N TYR A 155 17.24 7.94 -3.75
CA TYR A 155 17.22 6.48 -3.65
C TYR A 155 16.64 5.87 -4.94
N MET A 156 15.50 6.41 -5.38
CA MET A 156 14.88 5.93 -6.63
C MET A 156 15.79 6.14 -7.86
N THR A 157 16.48 7.30 -7.92
CA THR A 157 17.43 7.54 -9.01
C THR A 157 18.53 6.47 -9.03
N SER A 158 19.11 6.20 -7.86
CA SER A 158 20.17 5.20 -7.78
C SER A 158 19.64 3.80 -8.14
N PHE A 159 18.44 3.49 -7.70
CA PHE A 159 17.79 2.25 -8.10
C PHE A 159 17.67 2.15 -9.62
N ARG A 160 17.14 3.21 -10.26
CA ARG A 160 16.99 3.17 -11.71
C ARG A 160 18.33 2.98 -12.42
N GLU A 161 19.35 3.70 -11.97
CA GLU A 161 20.65 3.60 -12.60
C GLU A 161 21.24 2.19 -12.46
N ASN A 162 21.17 1.66 -11.25
CA ASN A 162 21.72 0.35 -10.99
C ASN A 162 20.95 -0.80 -11.62
N MET A 163 19.64 -0.64 -11.73
CA MET A 163 18.74 -1.69 -12.20
C MET A 163 18.28 -1.50 -13.64
N LYS A 164 18.98 -0.61 -14.36
CA LYS A 164 18.60 -0.26 -15.73
C LYS A 164 18.51 -1.48 -16.63
N GLU A 165 19.42 -2.44 -16.49
CA GLU A 165 19.36 -3.61 -17.36
CA GLU A 165 19.39 -3.67 -17.31
C GLU A 165 18.10 -4.44 -17.10
N PHE A 166 17.62 -4.50 -15.86
CA PHE A 166 16.43 -5.25 -15.55
C PHE A 166 15.19 -4.56 -16.01
N LEU A 167 15.20 -3.23 -16.00
CA LEU A 167 14.13 -2.43 -16.61
C LEU A 167 14.08 -2.67 -18.11
N ASP A 168 15.22 -2.50 -18.76
CA ASP A 168 15.30 -2.60 -20.22
C ASP A 168 14.93 -4.00 -20.72
N ALA A 169 15.23 -5.02 -19.96
CA ALA A 169 14.94 -6.39 -20.31
C ALA A 169 13.47 -6.78 -20.03
N GLY A 170 12.67 -5.88 -19.42
CA GLY A 170 11.30 -6.19 -19.13
C GLY A 170 11.11 -7.08 -17.93
N VAL A 171 12.12 -7.14 -17.05
CA VAL A 171 12.01 -7.88 -15.81
C VAL A 171 11.21 -7.05 -14.80
N ILE A 172 11.69 -5.83 -14.51
CA ILE A 172 10.98 -4.96 -13.59
C ILE A 172 9.88 -4.24 -14.35
N VAL A 173 8.64 -4.44 -13.89
CA VAL A 173 7.44 -3.95 -14.59
C VAL A 173 6.58 -3.02 -13.76
N ASP A 174 6.88 -2.88 -12.46
CA ASP A 174 6.07 -2.06 -11.56
CA ASP A 174 6.05 -2.07 -11.55
C ASP A 174 6.97 -1.58 -10.45
N ILE A 175 6.80 -0.30 -10.08
CA ILE A 175 7.46 0.30 -8.93
C ILE A 175 6.38 0.78 -8.00
N GLU A 176 6.33 0.20 -6.81
CA GLU A 176 5.40 0.62 -5.77
C GLU A 176 6.15 1.55 -4.81
N VAL A 177 5.65 2.77 -4.66
CA VAL A 177 6.33 3.77 -3.85
C VAL A 177 5.80 3.69 -2.43
N GLY A 178 6.64 3.30 -1.49
CA GLY A 178 6.23 3.30 -0.08
C GLY A 178 6.02 4.70 0.40
N LEU A 179 4.91 4.94 1.13
CA LEU A 179 4.48 6.30 1.52
C LEU A 179 4.17 6.40 3.01
N GLY A 180 4.54 5.40 3.81
CA GLY A 180 4.28 5.44 5.23
C GLY A 180 4.69 4.15 5.86
N PRO A 181 4.30 3.95 7.12
CA PRO A 181 4.49 2.67 7.80
C PRO A 181 3.95 1.51 6.99
N ALA A 182 4.69 0.41 6.96
CA ALA A 182 4.33 -0.78 6.22
C ALA A 182 4.28 -0.51 4.71
N GLY A 183 4.87 0.61 4.28
CA GLY A 183 4.82 1.07 2.88
C GLY A 183 3.49 1.66 2.46
N GLU A 184 2.56 1.82 3.39
CA GLU A 184 1.20 2.22 3.08
C GLU A 184 1.05 3.74 3.24
N MET A 185 0.23 4.32 2.39
CA MET A 185 -0.06 5.77 2.46
CA MET A 185 -0.07 5.77 2.45
C MET A 185 -1.08 5.98 3.61
N ARG A 186 -0.57 6.10 4.83
CA ARG A 186 -1.36 6.24 6.03
C ARG A 186 -0.50 6.77 7.18
N TYR A 187 -1.17 7.13 8.27
CA TYR A 187 -0.52 7.39 9.53
C TYR A 187 -0.41 6.08 10.31
N PRO A 188 0.52 6.04 11.32
CA PRO A 188 0.71 4.80 12.14
C PRO A 188 -0.29 4.81 13.31
N SER A 189 -1.58 4.77 12.95
CA SER A 189 -2.69 4.95 13.89
C SER A 189 -3.07 3.72 14.69
N TYR A 190 -2.52 2.54 14.33
CA TYR A 190 -2.83 1.23 14.98
C TYR A 190 -1.54 0.52 15.33
N PRO A 191 -0.78 1.04 16.29
CA PRO A 191 0.55 0.49 16.62
C PRO A 191 0.45 -0.76 17.51
N GLN A 192 0.43 -1.91 16.84
N GLN A 192 0.33 -1.91 16.88
CA GLN A 192 0.13 -3.18 17.46
CA GLN A 192 0.26 -3.16 17.63
C GLN A 192 1.04 -3.59 18.64
C GLN A 192 1.56 -3.32 18.41
N SER A 193 2.26 -3.07 18.77
N SER A 193 1.46 -3.79 19.66
CA SER A 193 3.10 -3.50 19.89
CA SER A 193 2.62 -4.00 20.54
C SER A 193 3.32 -2.43 20.92
C SER A 193 3.04 -2.73 21.31
N HIS A 194 2.64 -1.31 20.70
N HIS A 194 2.48 -1.57 20.95
CA HIS A 194 2.79 -0.16 21.56
CA HIS A 194 2.78 -0.34 21.68
C HIS A 194 1.47 0.48 21.86
C HIS A 194 1.51 0.37 22.12
N GLY A 195 0.49 -0.35 22.18
N GLY A 195 0.45 -0.40 22.20
CA GLY A 195 -0.68 0.19 22.85
CA GLY A 195 -0.72 0.13 22.89
C GLY A 195 -2.00 0.08 22.11
C GLY A 195 -2.02 0.04 22.13
N TRP A 196 -1.98 -0.53 20.92
CA TRP A 196 -3.20 -0.81 20.18
C TRP A 196 -3.37 -2.30 20.00
N SER A 197 -4.62 -2.72 20.12
CA SER A 197 -5.05 -4.07 19.74
C SER A 197 -6.31 -3.98 18.90
N PHE A 198 -6.43 -4.83 17.89
CA PHE A 198 -7.61 -4.89 17.05
C PHE A 198 -8.82 -5.20 17.94
N PRO A 199 -9.98 -4.57 17.69
CA PRO A 199 -10.30 -3.55 16.69
C PRO A 199 -10.39 -2.14 17.27
N GLY A 200 -9.40 -1.71 18.02
CA GLY A 200 -9.48 -0.34 18.52
C GLY A 200 -9.63 0.71 17.42
N ILE A 201 -10.23 1.85 17.79
CA ILE A 201 -10.38 2.96 16.85
C ILE A 201 -9.06 3.58 16.39
N GLY A 202 -7.98 3.39 17.13
CA GLY A 202 -6.72 4.06 16.80
C GLY A 202 -6.69 5.49 17.23
N GLU A 203 -5.62 6.20 16.88
CA GLU A 203 -5.46 7.61 17.24
C GLU A 203 -4.93 8.43 16.09
N PHE A 204 -5.17 9.72 16.16
CA PHE A 204 -4.61 10.71 15.27
C PHE A 204 -3.14 10.94 15.62
N ILE A 205 -2.26 10.80 14.63
CA ILE A 205 -0.80 10.81 14.88
C ILE A 205 -0.18 12.05 14.23
N CYS A 206 -0.67 13.21 14.67
CA CYS A 206 -0.36 14.51 14.03
C CYS A 206 0.29 15.51 15.00
N TYR A 207 0.87 14.99 16.08
CA TYR A 207 1.44 15.87 17.17
C TYR A 207 2.88 16.26 17.02
N ASP A 208 3.57 15.79 15.97
CA ASP A 208 4.93 16.27 15.74
C ASP A 208 4.89 17.78 15.50
N LYS A 209 5.96 18.47 15.85
CA LYS A 209 5.92 19.94 15.83
C LYS A 209 5.73 20.47 14.41
N TYR A 210 6.20 19.74 13.39
CA TYR A 210 6.01 20.19 12.02
C TYR A 210 4.53 20.18 11.60
N LEU A 211 3.84 19.10 11.93
CA LEU A 211 2.43 19.02 11.62
C LEU A 211 1.61 19.97 12.50
N GLN A 212 2.02 20.19 13.77
CA GLN A 212 1.30 21.18 14.59
C GLN A 212 1.40 22.59 13.98
N ALA A 213 2.59 22.94 13.49
CA ALA A 213 2.79 24.26 12.89
C ALA A 213 1.98 24.35 11.59
N ASP A 214 1.91 23.27 10.82
CA ASP A 214 1.14 23.27 9.59
CA ASP A 214 1.13 23.22 9.56
C ASP A 214 -0.37 23.43 9.88
N PHE A 215 -0.89 22.75 10.89
CA PHE A 215 -2.28 22.93 11.27
C PHE A 215 -2.54 24.38 11.70
N LYS A 216 -1.64 24.93 12.51
CA LYS A 216 -1.83 26.32 12.96
C LYS A 216 -1.94 27.28 11.77
N ALA A 217 -1.05 27.08 10.79
CA ALA A 217 -1.07 27.92 9.60
C ALA A 217 -2.36 27.73 8.80
N ALA A 218 -2.81 26.50 8.66
CA ALA A 218 -4.02 26.19 7.94
C ALA A 218 -5.25 26.82 8.59
N ALA A 219 -5.32 26.73 9.92
CA ALA A 219 -6.40 27.26 10.70
C ALA A 219 -6.40 28.80 10.67
N ALA A 220 -5.24 29.39 10.71
CA ALA A 220 -5.11 30.86 10.61
C ALA A 220 -5.54 31.34 9.22
N ALA A 221 -5.24 30.57 8.16
CA ALA A 221 -5.59 31.02 6.80
C ALA A 221 -7.08 31.13 6.62
N VAL A 222 -7.86 30.36 7.38
CA VAL A 222 -9.35 30.43 7.38
C VAL A 222 -9.95 31.21 8.58
N GLY A 223 -9.13 32.01 9.23
CA GLY A 223 -9.58 32.92 10.28
C GLY A 223 -9.91 32.30 11.62
N HIS A 224 -9.36 31.12 11.89
CA HIS A 224 -9.56 30.43 13.15
C HIS A 224 -8.25 30.03 13.80
N PRO A 225 -7.45 31.03 14.16
CA PRO A 225 -6.16 30.73 14.75
C PRO A 225 -6.19 29.99 16.05
N GLU A 226 -7.31 30.06 16.72
CA GLU A 226 -7.47 29.44 18.00
C GLU A 226 -7.75 27.94 17.94
N TRP A 227 -8.17 27.43 16.77
CA TRP A 227 -8.51 25.99 16.67
C TRP A 227 -7.33 25.12 17.02
N GLU A 228 -7.64 23.98 17.65
CA GLU A 228 -6.65 23.00 18.04
C GLU A 228 -7.16 21.63 17.60
N PHE A 229 -6.28 20.64 17.62
CA PHE A 229 -6.73 19.28 17.37
C PHE A 229 -7.86 18.88 18.31
N PRO A 230 -8.77 17.99 17.87
CA PRO A 230 -9.83 17.53 18.77
C PRO A 230 -9.29 16.84 19.99
N ASN A 231 -9.89 17.08 21.15
N ASN A 231 -9.92 17.15 21.12
CA ASN A 231 -9.41 16.43 22.40
CA ASN A 231 -9.57 16.68 22.47
C ASN A 231 -10.37 15.38 22.96
C ASN A 231 -10.61 15.76 23.08
N ASP A 232 -11.49 15.20 22.27
CA ASP A 232 -12.59 14.35 22.73
C ASP A 232 -12.63 13.02 21.94
N VAL A 233 -11.42 12.51 21.68
CA VAL A 233 -11.16 11.44 20.73
C VAL A 233 -10.81 10.11 21.39
N GLY A 234 -10.82 10.06 22.71
CA GLY A 234 -10.49 8.81 23.38
C GLY A 234 -9.06 8.40 23.11
N GLN A 235 -8.86 7.09 23.08
CA GLN A 235 -7.54 6.50 22.93
CA GLN A 235 -7.53 6.50 22.95
C GLN A 235 -7.60 5.25 22.10
N TYR A 236 -6.43 4.68 21.77
CA TYR A 236 -6.28 3.59 20.79
C TYR A 236 -7.34 2.50 20.89
N ASN A 237 -7.59 1.97 22.10
CA ASN A 237 -8.43 0.79 22.24
C ASN A 237 -9.89 1.10 22.54
N ASP A 238 -10.28 2.35 22.46
CA ASP A 238 -11.68 2.69 22.56
C ASP A 238 -12.48 2.13 21.38
N THR A 239 -13.80 2.15 21.57
CA THR A 239 -14.76 2.01 20.49
C THR A 239 -15.39 3.39 20.27
N PRO A 240 -16.08 3.61 19.13
CA PRO A 240 -16.55 4.99 18.83
C PRO A 240 -17.45 5.61 19.92
N GLU A 241 -18.37 4.82 20.49
CA GLU A 241 -19.32 5.37 21.49
C GLU A 241 -18.68 5.75 22.80
N ARG A 242 -17.41 5.34 23.02
CA ARG A 242 -16.61 5.78 24.17
C ARG A 242 -16.19 7.23 24.11
N THR A 243 -16.40 7.87 22.95
CA THR A 243 -15.82 9.19 22.65
C THR A 243 -16.93 10.14 22.20
N GLN A 244 -16.74 11.44 22.47
CA GLN A 244 -17.65 12.43 21.93
C GLN A 244 -17.36 12.72 20.45
N PHE A 245 -16.11 12.53 20.01
CA PHE A 245 -15.79 12.82 18.62
C PHE A 245 -16.40 11.81 17.65
N PHE A 246 -16.23 10.50 17.94
CA PHE A 246 -16.56 9.44 16.97
C PHE A 246 -17.94 8.83 17.17
N ARG A 247 -18.61 9.14 18.27
CA ARG A 247 -19.92 8.56 18.48
C ARG A 247 -20.89 8.97 17.38
N ASP A 248 -21.94 8.18 17.21
CA ASP A 248 -23.05 8.56 16.33
CA ASP A 248 -23.01 8.57 16.31
C ASP A 248 -23.52 9.95 16.79
N ASN A 249 -23.64 10.88 15.84
CA ASN A 249 -24.03 12.27 16.11
C ASN A 249 -22.97 13.07 16.88
N GLY A 250 -21.73 12.60 16.79
CA GLY A 250 -20.63 13.18 17.52
C GLY A 250 -20.01 14.39 16.85
N THR A 251 -18.93 14.86 17.46
CA THR A 251 -18.31 16.11 17.04
C THR A 251 -17.46 16.02 15.73
N TYR A 252 -17.27 14.81 15.24
CA TYR A 252 -16.67 14.64 13.92
C TYR A 252 -17.46 15.36 12.85
N LEU A 253 -18.76 15.57 13.11
CA LEU A 253 -19.66 16.22 12.14
C LEU A 253 -19.61 17.74 12.18
N SER A 254 -19.02 18.28 13.23
CA SER A 254 -19.02 19.73 13.41
C SER A 254 -18.11 20.45 12.43
N GLU A 255 -18.25 21.76 12.33
CA GLU A 255 -17.35 22.57 11.49
C GLU A 255 -15.87 22.32 11.82
N LYS A 256 -15.54 22.39 13.09
CA LYS A 256 -14.17 22.16 13.54
C LYS A 256 -13.72 20.75 13.22
N GLY A 257 -14.60 19.77 13.44
CA GLY A 257 -14.27 18.36 13.17
C GLY A 257 -13.97 18.15 11.69
N ARG A 258 -14.85 18.69 10.83
CA ARG A 258 -14.66 18.56 9.39
C ARG A 258 -13.38 19.21 8.94
N PHE A 259 -13.06 20.38 9.48
CA PHE A 259 -11.82 21.06 9.10
C PHE A 259 -10.59 20.22 9.46
N PHE A 260 -10.57 19.71 10.69
CA PHE A 260 -9.46 18.87 11.13
C PHE A 260 -9.33 17.60 10.30
N LEU A 261 -10.45 16.93 10.04
CA LEU A 261 -10.40 15.69 9.28
C LEU A 261 -9.94 15.93 7.85
N ALA A 262 -10.43 17.00 7.25
CA ALA A 262 -9.96 17.36 5.92
C ALA A 262 -8.46 17.67 5.95
N TRP A 263 -8.01 18.44 6.93
CA TRP A 263 -6.57 18.79 7.02
C TRP A 263 -5.71 17.52 7.12
N TYR A 264 -6.12 16.61 8.01
CA TYR A 264 -5.35 15.41 8.31
C TYR A 264 -5.25 14.49 7.08
N SER A 265 -6.41 14.26 6.42
CA SER A 265 -6.46 13.43 5.23
C SER A 265 -5.83 14.11 4.02
N ASN A 266 -5.99 15.44 3.88
CA ASN A 266 -5.39 16.17 2.79
C ASN A 266 -3.87 16.09 2.85
N ASN A 267 -3.30 16.12 4.05
CA ASN A 267 -1.84 16.06 4.16
C ASN A 267 -1.31 14.76 3.60
N LEU A 268 -2.01 13.64 3.79
CA LEU A 268 -1.61 12.40 3.22
CA LEU A 268 -1.55 12.38 3.15
C LEU A 268 -1.64 12.46 1.66
N ILE A 269 -2.73 13.04 1.14
CA ILE A 269 -2.88 13.19 -0.31
C ILE A 269 -1.72 14.03 -0.88
N LYS A 270 -1.39 15.14 -0.20
CA LYS A 270 -0.33 16.02 -0.66
C LYS A 270 1.04 15.31 -0.61
N HIS A 271 1.25 14.52 0.46
CA HIS A 271 2.46 13.70 0.62
C HIS A 271 2.61 12.75 -0.56
N GLY A 272 1.55 12.03 -0.87
CA GLY A 272 1.58 11.14 -2.02
C GLY A 272 1.84 11.84 -3.34
N ASP A 273 1.18 12.98 -3.54
CA ASP A 273 1.31 13.72 -4.79
C ASP A 273 2.74 14.16 -5.01
N ARG A 274 3.39 14.73 -3.98
CA ARG A 274 4.71 15.30 -4.17
CA ARG A 274 4.71 15.29 -4.19
C ARG A 274 5.76 14.20 -4.37
N ILE A 275 5.61 13.06 -3.68
CA ILE A 275 6.55 11.98 -3.85
C ILE A 275 6.34 11.25 -5.17
N LEU A 276 5.10 11.07 -5.57
CA LEU A 276 4.81 10.49 -6.88
C LEU A 276 5.34 11.37 -8.02
N ASP A 277 5.26 12.69 -7.89
CA ASP A 277 5.84 13.55 -8.91
C ASP A 277 7.33 13.27 -9.10
N GLU A 278 8.04 13.13 -7.99
CA GLU A 278 9.47 12.81 -8.06
CA GLU A 278 9.46 12.80 -8.06
C GLU A 278 9.68 11.41 -8.66
N ALA A 279 8.87 10.42 -8.25
CA ALA A 279 9.01 9.07 -8.79
C ALA A 279 8.77 9.06 -10.33
N ASN A 280 7.75 9.81 -10.77
CA ASN A 280 7.48 9.91 -12.19
C ASN A 280 8.64 10.53 -12.96
N LYS A 281 9.25 11.57 -12.40
CA LYS A 281 10.45 12.10 -13.06
C LYS A 281 11.60 11.10 -13.12
N VAL A 282 11.81 10.31 -12.07
CA VAL A 282 12.87 9.33 -12.08
C VAL A 282 12.62 8.29 -13.18
N PHE A 283 11.41 7.76 -13.28
CA PHE A 283 11.14 6.60 -14.14
C PHE A 283 10.59 6.97 -15.52
N LEU A 284 10.56 8.26 -15.82
CA LEU A 284 10.10 8.76 -17.09
C LEU A 284 10.70 7.97 -18.24
N GLY A 285 9.84 7.51 -19.15
CA GLY A 285 10.31 6.80 -20.33
C GLY A 285 10.54 5.31 -20.20
N TYR A 286 10.48 4.77 -18.98
CA TYR A 286 10.59 3.35 -18.74
C TYR A 286 9.20 2.70 -18.80
N LYS A 287 9.17 1.42 -19.21
CA LYS A 287 7.91 0.68 -19.40
C LYS A 287 7.50 0.05 -18.08
N VAL A 288 7.16 0.90 -17.11
CA VAL A 288 6.76 0.50 -15.79
C VAL A 288 5.47 1.20 -15.38
N GLN A 289 4.72 0.57 -14.50
N GLN A 289 4.72 0.53 -14.52
CA GLN A 289 3.64 1.18 -13.76
CA GLN A 289 3.57 1.02 -13.77
C GLN A 289 4.20 1.69 -12.42
C GLN A 289 4.10 1.57 -12.45
N LEU A 290 3.88 2.93 -12.03
N LEU A 290 3.52 2.66 -12.00
CA LEU A 290 4.00 3.34 -10.62
CA LEU A 290 3.92 3.32 -10.80
C LEU A 290 2.72 3.05 -9.87
C LEU A 290 2.72 3.23 -9.84
N ALA A 291 2.89 2.69 -8.62
CA ALA A 291 1.76 2.33 -7.74
C ALA A 291 1.95 2.92 -6.35
N ILE A 292 0.83 3.08 -5.64
CA ILE A 292 0.86 3.26 -4.21
C ILE A 292 0.06 2.15 -3.56
N LYS A 293 0.27 2.00 -2.24
CA LYS A 293 -0.44 1.01 -1.45
CA LYS A 293 -0.41 1.01 -1.43
C LYS A 293 -1.35 1.72 -0.46
N ILE A 294 -2.65 1.48 -0.57
CA ILE A 294 -3.65 2.01 0.34
C ILE A 294 -3.93 0.91 1.36
N SER A 295 -3.86 1.26 2.63
CA SER A 295 -4.11 0.30 3.70
C SER A 295 -5.60 -0.08 3.73
N GLY A 296 -5.89 -1.31 4.09
CA GLY A 296 -7.26 -1.77 4.18
C GLY A 296 -7.79 -1.73 5.60
N ILE A 297 -8.48 -0.68 5.93
CA ILE A 297 -9.00 -0.43 7.30
C ILE A 297 -10.47 -0.75 7.29
N HIS A 298 -10.77 -2.03 7.45
CA HIS A 298 -12.10 -2.58 7.34
C HIS A 298 -12.95 -2.49 8.61
N TRP A 299 -12.28 -2.36 9.76
CA TRP A 299 -12.93 -2.26 11.08
C TRP A 299 -13.52 -0.85 11.26
N TRP A 300 -14.75 -0.86 11.79
CA TRP A 300 -15.60 0.32 11.98
C TRP A 300 -16.19 0.87 10.69
N TYR A 301 -16.02 0.16 9.56
CA TYR A 301 -16.62 0.63 8.31
C TYR A 301 -18.12 0.69 8.41
N LYS A 302 -18.73 -0.17 9.24
CA LYS A 302 -20.18 -0.23 9.37
CA LYS A 302 -20.18 -0.24 9.35
C LYS A 302 -20.81 0.84 10.24
N VAL A 303 -20.03 1.66 10.95
CA VAL A 303 -20.61 2.68 11.84
C VAL A 303 -20.44 4.05 11.20
N PRO A 304 -21.26 5.04 11.65
CA PRO A 304 -21.23 6.31 10.92
C PRO A 304 -19.89 7.02 10.83
N SER A 305 -19.12 6.96 11.91
CA SER A 305 -17.85 7.68 11.94
C SER A 305 -16.74 7.03 11.16
N HIS A 306 -16.83 5.75 10.78
CA HIS A 306 -15.70 5.12 10.10
C HIS A 306 -14.42 5.41 10.90
N ALA A 307 -14.44 5.24 12.21
CA ALA A 307 -13.43 5.85 13.07
C ALA A 307 -12.01 5.41 12.74
N ALA A 308 -11.79 4.12 12.47
CA ALA A 308 -10.45 3.62 12.21
C ALA A 308 -9.90 4.11 10.88
N GLU A 309 -10.75 4.25 9.87
CA GLU A 309 -10.33 4.89 8.64
C GLU A 309 -9.92 6.33 8.90
N LEU A 310 -10.72 7.05 9.70
CA LEU A 310 -10.41 8.45 9.96
C LEU A 310 -9.03 8.59 10.58
N THR A 311 -8.73 7.77 11.60
CA THR A 311 -7.44 7.91 12.29
C THR A 311 -6.27 7.44 11.43
N ALA A 312 -6.49 6.51 10.50
CA ALA A 312 -5.48 6.14 9.53
C ALA A 312 -5.18 7.23 8.51
N GLY A 313 -6.14 8.16 8.35
CA GLY A 313 -6.04 9.25 7.39
C GLY A 313 -6.96 9.20 6.18
N TYR A 314 -7.93 8.29 6.19
CA TYR A 314 -8.88 8.16 5.09
C TYR A 314 -10.18 8.74 5.54
N TYR A 315 -10.52 9.93 4.99
CA TYR A 315 -11.71 10.67 5.46
C TYR A 315 -12.93 10.20 4.67
N ASN A 316 -13.41 9.04 5.07
CA ASN A 316 -14.42 8.26 4.37
C ASN A 316 -15.67 8.16 5.25
N LEU A 317 -16.79 8.65 4.71
CA LEU A 317 -18.06 8.62 5.43
C LEU A 317 -19.16 8.21 4.44
N HIS A 318 -20.36 7.99 4.94
CA HIS A 318 -21.50 7.58 4.08
CA HIS A 318 -21.43 7.52 4.04
C HIS A 318 -21.66 8.49 2.88
N ASP A 319 -21.45 9.78 3.09
CA ASP A 319 -21.64 10.79 2.07
C ASP A 319 -20.36 11.45 1.60
N ARG A 320 -19.19 10.82 1.83
CA ARG A 320 -17.92 11.46 1.44
C ARG A 320 -16.97 10.34 1.02
N ASP A 321 -16.60 10.32 -0.26
CA ASP A 321 -15.71 9.26 -0.76
C ASP A 321 -14.26 9.60 -0.51
N GLY A 322 -13.72 9.05 0.57
CA GLY A 322 -12.35 9.35 0.97
C GLY A 322 -11.28 8.56 0.22
N TYR A 323 -11.72 7.67 -0.68
CA TYR A 323 -10.78 6.98 -1.57
C TYR A 323 -10.79 7.51 -3.01
N ARG A 324 -11.94 8.03 -3.46
CA ARG A 324 -11.99 8.62 -4.80
C ARG A 324 -11.14 9.90 -4.88
N THR A 325 -11.01 10.65 -3.76
CA THR A 325 -10.10 11.82 -3.71
C THR A 325 -8.66 11.33 -3.94
N ILE A 326 -8.22 10.27 -3.24
CA ILE A 326 -6.89 9.72 -3.44
C ILE A 326 -6.75 9.34 -4.92
N ALA A 327 -7.74 8.64 -5.47
CA ALA A 327 -7.70 8.19 -6.84
C ALA A 327 -7.55 9.36 -7.81
N ARG A 328 -8.29 10.42 -7.58
CA ARG A 328 -8.15 11.61 -8.42
C ARG A 328 -6.75 12.19 -8.37
N MET A 329 -6.13 12.21 -7.19
CA MET A 329 -4.74 12.65 -7.08
C MET A 329 -3.77 11.80 -7.90
N LEU A 330 -4.04 10.51 -7.97
CA LEU A 330 -3.16 9.59 -8.70
C LEU A 330 -3.27 9.74 -10.20
N LYS A 331 -4.40 10.27 -10.67
CA LYS A 331 -4.72 10.26 -12.11
C LYS A 331 -3.64 10.96 -12.95
N ARG A 332 -3.17 12.12 -12.52
CA ARG A 332 -2.23 12.86 -13.37
C ARG A 332 -0.92 12.11 -13.55
N HIS A 333 -0.57 11.27 -12.57
CA HIS A 333 0.64 10.50 -12.59
C HIS A 333 0.51 9.21 -13.40
N ARG A 334 -0.73 8.88 -13.78
CA ARG A 334 -1.06 7.52 -14.28
C ARG A 334 -0.59 6.44 -13.33
N ALA A 335 -0.72 6.71 -12.03
CA ALA A 335 -0.37 5.78 -10.99
C ALA A 335 -1.54 4.84 -10.68
N SER A 336 -1.20 3.67 -10.20
CA SER A 336 -2.19 2.68 -9.86
CA SER A 336 -2.13 2.59 -9.85
C SER A 336 -2.39 2.58 -8.35
N ILE A 337 -3.52 1.99 -7.98
CA ILE A 337 -3.78 1.60 -6.60
C ILE A 337 -3.52 0.14 -6.39
N ASN A 338 -2.75 -0.18 -5.35
CA ASN A 338 -2.64 -1.55 -4.88
C ASN A 338 -3.35 -1.63 -3.55
N PHE A 339 -4.46 -2.35 -3.52
CA PHE A 339 -5.30 -2.45 -2.33
C PHE A 339 -5.12 -3.83 -1.68
N THR A 340 -5.97 -4.17 -0.74
CA THR A 340 -5.82 -5.36 0.08
C THR A 340 -7.20 -5.89 0.46
N CYS A 341 -7.26 -6.93 1.28
CA CYS A 341 -8.52 -7.50 1.72
C CYS A 341 -9.26 -8.26 0.63
N ALA A 342 -8.58 -8.60 -0.46
CA ALA A 342 -9.23 -9.25 -1.58
C ALA A 342 -9.78 -10.64 -1.28
N GLU A 343 -9.29 -11.28 -0.22
CA GLU A 343 -9.67 -12.64 0.17
C GLU A 343 -10.74 -12.70 1.26
N MET A 344 -11.14 -11.56 1.81
CA MET A 344 -11.98 -11.51 3.01
C MET A 344 -13.47 -11.46 2.65
N ARG A 345 -14.23 -12.27 3.39
CA ARG A 345 -15.67 -12.16 3.46
C ARG A 345 -16.07 -11.51 4.77
N ASP A 346 -17.15 -10.73 4.70
CA ASP A 346 -17.67 -10.06 5.91
C ASP A 346 -18.04 -11.08 7.01
N SER A 347 -18.55 -12.22 6.57
CA SER A 347 -18.98 -13.28 7.51
C SER A 347 -17.80 -13.88 8.31
N GLU A 348 -16.58 -13.69 7.84
CA GLU A 348 -15.38 -14.19 8.50
C GLU A 348 -14.88 -13.31 9.61
N GLN A 349 -15.45 -12.09 9.75
CA GLN A 349 -14.96 -11.11 10.71
C GLN A 349 -15.79 -11.17 11.97
N SER A 350 -15.19 -10.74 13.06
CA SER A 350 -15.93 -10.71 14.34
CA SER A 350 -15.82 -10.63 14.36
C SER A 350 -16.94 -9.59 14.32
N SER A 351 -18.09 -9.87 14.92
CA SER A 351 -19.17 -8.91 14.97
C SER A 351 -18.83 -7.56 15.60
N GLN A 352 -18.08 -7.61 16.69
CA GLN A 352 -17.76 -6.43 17.47
CA GLN A 352 -17.79 -6.43 17.45
C GLN A 352 -16.88 -5.47 16.68
N ALA A 353 -16.16 -5.97 15.66
CA ALA A 353 -15.28 -5.08 14.84
C ALA A 353 -16.03 -4.21 13.83
N MET A 354 -17.33 -4.46 13.64
CA MET A 354 -18.15 -3.67 12.75
CA MET A 354 -18.15 -3.67 12.73
CA MET A 354 -18.16 -3.70 12.72
C MET A 354 -17.43 -3.52 11.39
N SER A 355 -17.00 -4.67 10.88
CA SER A 355 -16.05 -4.79 9.78
C SER A 355 -16.73 -5.14 8.47
N ALA A 356 -16.38 -4.44 7.40
CA ALA A 356 -16.99 -4.67 6.09
C ALA A 356 -15.96 -4.71 4.94
N PRO A 357 -15.04 -5.67 4.97
CA PRO A 357 -14.03 -5.68 3.93
C PRO A 357 -14.57 -5.79 2.53
N GLU A 358 -15.66 -6.56 2.30
CA GLU A 358 -16.16 -6.67 0.93
C GLU A 358 -16.59 -5.30 0.38
N GLU A 359 -17.36 -4.57 1.17
CA GLU A 359 -17.82 -3.27 0.76
C GLU A 359 -16.69 -2.28 0.62
N LEU A 360 -15.71 -2.37 1.51
CA LEU A 360 -14.56 -1.48 1.38
C LEU A 360 -13.78 -1.75 0.06
N VAL A 361 -13.52 -3.04 -0.21
CA VAL A 361 -12.89 -3.40 -1.50
C VAL A 361 -13.69 -2.88 -2.71
N GLN A 362 -15.01 -3.05 -2.67
CA GLN A 362 -15.85 -2.56 -3.76
C GLN A 362 -15.76 -1.06 -3.93
N GLN A 363 -15.71 -0.37 -2.78
CA GLN A 363 -15.60 1.07 -2.82
C GLN A 363 -14.27 1.52 -3.46
N VAL A 364 -13.16 0.94 -3.04
CA VAL A 364 -11.84 1.38 -3.51
C VAL A 364 -11.64 1.03 -4.97
N LEU A 365 -12.04 -0.20 -5.35
CA LEU A 365 -11.92 -0.60 -6.76
C LEU A 365 -12.76 0.31 -7.64
N SER A 366 -14.00 0.58 -7.20
CA SER A 366 -14.89 1.41 -8.00
C SER A 366 -14.32 2.84 -8.16
N ALA A 367 -13.77 3.36 -7.07
CA ALA A 367 -13.17 4.69 -7.10
C ALA A 367 -12.01 4.75 -8.06
N GLY A 368 -11.11 3.76 -8.03
CA GLY A 368 -10.01 3.73 -8.99
C GLY A 368 -10.49 3.66 -10.42
N TRP A 369 -11.45 2.78 -10.68
CA TRP A 369 -11.97 2.61 -12.04
C TRP A 369 -12.67 3.87 -12.53
N ARG A 370 -13.41 4.56 -11.67
CA ARG A 370 -14.02 5.81 -12.08
C ARG A 370 -13.03 6.92 -12.43
N GLU A 371 -11.84 6.86 -11.85
CA GLU A 371 -10.78 7.81 -12.20
C GLU A 371 -9.87 7.29 -13.31
N GLY A 372 -10.22 6.16 -13.92
CA GLY A 372 -9.46 5.66 -15.05
C GLY A 372 -8.14 4.98 -14.68
N LEU A 373 -8.00 4.54 -13.44
CA LEU A 373 -6.77 3.90 -12.97
C LEU A 373 -6.78 2.38 -13.11
N ASN A 374 -5.57 1.82 -13.19
CA ASN A 374 -5.37 0.43 -12.95
C ASN A 374 -5.48 0.21 -11.44
N VAL A 375 -6.12 -0.91 -11.06
CA VAL A 375 -6.24 -1.28 -9.66
C VAL A 375 -5.79 -2.73 -9.49
N ALA A 376 -4.91 -2.96 -8.53
CA ALA A 376 -4.42 -4.31 -8.18
C ALA A 376 -4.79 -4.55 -6.74
N CYS A 377 -4.71 -5.78 -6.30
CA CYS A 377 -5.00 -6.10 -4.92
CA CYS A 377 -5.07 -6.17 -4.94
C CYS A 377 -4.15 -7.24 -4.37
N GLU A 378 -4.11 -7.31 -3.06
CA GLU A 378 -3.46 -8.34 -2.27
C GLU A 378 -4.46 -8.97 -1.28
N ASN A 379 -4.10 -10.12 -0.73
CA ASN A 379 -4.77 -10.64 0.46
C ASN A 379 -4.20 -9.99 1.71
N ALA A 380 -5.08 -9.69 2.65
CA ALA A 380 -4.71 -9.07 3.92
C ALA A 380 -4.03 -10.05 4.87
N LEU A 381 -4.54 -11.28 4.94
CA LEU A 381 -4.07 -12.26 5.90
C LEU A 381 -3.73 -13.55 5.18
N PRO A 382 -2.91 -14.38 5.83
CA PRO A 382 -2.52 -15.64 5.17
C PRO A 382 -3.74 -16.56 4.99
N ARG A 383 -3.91 -17.08 3.80
CA ARG A 383 -4.99 -18.04 3.51
C ARG A 383 -4.51 -18.98 2.44
N TYR A 384 -4.92 -20.24 2.59
CA TYR A 384 -4.52 -21.32 1.72
C TYR A 384 -5.71 -22.13 1.14
N ASP A 385 -6.90 -21.73 1.55
CA ASP A 385 -8.14 -22.50 1.32
C ASP A 385 -8.91 -22.07 0.08
N PRO A 386 -9.69 -22.99 -0.54
CA PRO A 386 -10.47 -22.67 -1.71
C PRO A 386 -11.39 -21.45 -1.54
N THR A 387 -12.01 -21.31 -0.39
CA THR A 387 -12.96 -20.21 -0.20
C THR A 387 -12.25 -18.87 -0.39
N ALA A 388 -11.05 -18.73 0.22
CA ALA A 388 -10.28 -17.49 0.07
C ALA A 388 -9.96 -17.20 -1.42
N TYR A 389 -9.51 -18.22 -2.12
CA TYR A 389 -9.20 -18.10 -3.54
C TYR A 389 -10.42 -17.67 -4.36
N ASN A 390 -11.57 -18.27 -4.02
CA ASN A 390 -12.81 -17.93 -4.72
C ASN A 390 -13.27 -16.48 -4.40
N THR A 391 -12.98 -16.00 -3.18
CA THR A 391 -13.29 -14.60 -2.87
C THR A 391 -12.38 -13.67 -3.70
N ILE A 392 -11.11 -14.03 -3.80
CA ILE A 392 -10.18 -13.25 -4.63
C ILE A 392 -10.66 -13.23 -6.09
N LEU A 393 -11.04 -14.41 -6.60
CA LEU A 393 -11.52 -14.53 -7.96
C LEU A 393 -12.72 -13.62 -8.21
N ARG A 394 -13.66 -13.58 -7.27
CA ARG A 394 -14.83 -12.69 -7.42
C ARG A 394 -14.37 -11.23 -7.58
N ASN A 395 -13.46 -10.79 -6.69
CA ASN A 395 -12.97 -9.44 -6.72
C ASN A 395 -12.15 -9.13 -7.95
N ALA A 396 -11.47 -10.14 -8.49
CA ALA A 396 -10.62 -9.97 -9.66
C ALA A 396 -11.44 -9.66 -10.93
N ARG A 397 -12.61 -10.28 -11.01
CA ARG A 397 -13.53 -10.06 -12.17
C ARG A 397 -14.93 -9.94 -11.59
N PRO A 398 -15.28 -8.72 -11.14
CA PRO A 398 -16.55 -8.53 -10.43
CA PRO A 398 -16.55 -8.55 -10.43
C PRO A 398 -17.79 -8.90 -11.24
N HIS A 399 -17.71 -8.84 -12.56
CA HIS A 399 -18.85 -9.13 -13.43
C HIS A 399 -18.70 -10.49 -14.08
N GLY A 400 -17.70 -11.28 -13.66
CA GLY A 400 -17.44 -12.61 -14.20
C GLY A 400 -16.68 -12.53 -15.51
N ILE A 401 -16.71 -13.65 -16.25
CA ILE A 401 -16.02 -13.81 -17.54
C ILE A 401 -16.84 -13.13 -18.64
N ASN A 402 -16.23 -12.31 -19.51
CA ASN A 402 -16.79 -11.92 -20.82
C ASN A 402 -16.35 -12.95 -21.84
N GLN A 403 -17.30 -13.64 -22.49
CA GLN A 403 -16.92 -14.71 -23.44
C GLN A 403 -16.23 -14.30 -24.74
N SER A 404 -16.39 -13.06 -25.17
CA SER A 404 -15.86 -12.63 -26.48
C SER A 404 -14.92 -11.39 -26.50
N GLY A 405 -14.57 -10.88 -25.31
CA GLY A 405 -13.75 -9.68 -25.22
C GLY A 405 -13.35 -9.39 -23.77
N PRO A 406 -12.73 -8.21 -23.54
CA PRO A 406 -12.41 -7.82 -22.18
C PRO A 406 -13.68 -7.56 -21.34
N PRO A 407 -13.64 -7.93 -20.05
CA PRO A 407 -14.78 -7.62 -19.20
C PRO A 407 -14.84 -6.12 -18.91
N GLU A 408 -15.94 -5.66 -18.36
CA GLU A 408 -16.15 -4.23 -18.20
C GLU A 408 -15.20 -3.65 -17.14
N HIS A 409 -14.87 -4.46 -16.10
CA HIS A 409 -13.88 -4.14 -15.05
C HIS A 409 -13.16 -5.40 -14.62
N LYS A 410 -11.88 -5.25 -14.29
CA LYS A 410 -11.10 -6.35 -13.75
CA LYS A 410 -11.02 -6.35 -13.92
C LYS A 410 -9.88 -5.79 -13.04
N LEU A 411 -9.38 -6.55 -12.08
CA LEU A 411 -8.10 -6.17 -11.49
C LEU A 411 -6.99 -6.27 -12.54
N PHE A 412 -6.05 -5.33 -12.43
CA PHE A 412 -4.89 -5.33 -13.29
C PHE A 412 -3.89 -6.40 -12.86
N GLY A 413 -3.92 -6.78 -11.60
CA GLY A 413 -3.10 -7.86 -11.07
C GLY A 413 -3.51 -8.16 -9.63
N PHE A 414 -3.05 -9.31 -9.16
CA PHE A 414 -3.20 -9.75 -7.78
C PHE A 414 -1.86 -10.19 -7.29
N THR A 415 -1.48 -9.78 -6.08
CA THR A 415 -0.23 -10.24 -5.44
C THR A 415 -0.58 -11.02 -4.18
N TYR A 416 -0.12 -12.27 -4.16
CA TYR A 416 -0.32 -13.19 -3.04
C TYR A 416 0.74 -13.01 -1.96
N LEU A 417 0.28 -12.79 -0.73
CA LEU A 417 1.16 -12.67 0.42
CA LEU A 417 1.16 -12.66 0.43
C LEU A 417 1.08 -13.97 1.19
N ARG A 418 2.17 -14.72 1.38
CA ARG A 418 3.47 -14.49 0.73
CA ARG A 418 3.55 -14.48 0.89
CA ARG A 418 3.52 -14.47 0.90
C ARG A 418 4.13 -15.86 0.58
N LEU A 419 5.12 -15.91 -0.29
CA LEU A 419 5.83 -17.15 -0.54
C LEU A 419 6.42 -17.71 0.76
N SER A 420 6.29 -19.04 0.94
CA SER A 420 6.95 -19.76 2.02
C SER A 420 7.02 -21.23 1.59
N ASN A 421 7.76 -22.03 2.35
CA ASN A 421 7.78 -23.45 2.08
C ASN A 421 6.42 -24.08 2.26
N GLN A 422 5.63 -23.57 3.18
CA GLN A 422 4.31 -24.12 3.43
C GLN A 422 3.35 -23.92 2.25
N LEU A 423 3.54 -22.84 1.49
CA LEU A 423 2.68 -22.58 0.35
C LEU A 423 2.85 -23.64 -0.74
N VAL A 424 4.09 -24.06 -0.97
CA VAL A 424 4.42 -24.79 -2.16
C VAL A 424 4.56 -26.31 -1.93
N GLU A 425 3.89 -26.78 -0.89
CA GLU A 425 3.79 -28.24 -0.71
C GLU A 425 2.34 -28.64 -0.47
N GLY A 426 2.06 -29.91 -0.67
CA GLY A 426 0.85 -30.53 -0.21
C GLY A 426 -0.39 -29.97 -0.81
N GLN A 427 -1.43 -29.99 0.02
CA GLN A 427 -2.70 -29.49 -0.39
C GLN A 427 -2.67 -27.96 -0.65
N ASN A 428 -1.86 -27.27 0.13
CA ASN A 428 -1.72 -25.79 -0.08
C ASN A 428 -1.32 -25.50 -1.52
N TYR A 429 -0.33 -26.24 -2.01
CA TYR A 429 0.16 -26.01 -3.35
C TYR A 429 -0.85 -26.38 -4.40
N ALA A 430 -1.53 -27.51 -4.22
CA ALA A 430 -2.59 -27.88 -5.17
C ALA A 430 -3.66 -26.78 -5.29
N ASN A 431 -4.08 -26.23 -4.13
CA ASN A 431 -5.12 -25.19 -4.14
C ASN A 431 -4.59 -23.93 -4.86
N PHE A 432 -3.34 -23.57 -4.57
CA PHE A 432 -2.73 -22.39 -5.17
C PHE A 432 -2.59 -22.50 -6.69
N LYS A 433 -2.12 -23.65 -7.18
CA LYS A 433 -2.01 -23.82 -8.63
CA LYS A 433 -2.00 -23.82 -8.64
C LYS A 433 -3.35 -23.70 -9.34
N THR A 434 -4.41 -24.31 -8.77
CA THR A 434 -5.71 -24.19 -9.39
C THR A 434 -6.18 -22.73 -9.41
N PHE A 435 -5.96 -22.04 -8.30
CA PHE A 435 -6.23 -20.58 -8.27
C PHE A 435 -5.60 -19.81 -9.44
N VAL A 436 -4.31 -20.04 -9.63
CA VAL A 436 -3.61 -19.35 -10.74
C VAL A 436 -4.27 -19.66 -12.10
N ASP A 437 -4.61 -20.93 -12.31
CA ASP A 437 -5.32 -21.30 -13.55
C ASP A 437 -6.58 -20.46 -13.71
N ARG A 438 -7.40 -20.42 -12.66
CA ARG A 438 -8.66 -19.66 -12.70
C ARG A 438 -8.44 -18.17 -12.93
N MET A 439 -7.42 -17.60 -12.29
CA MET A 439 -7.15 -16.17 -12.49
C MET A 439 -6.79 -15.92 -13.95
N HIS A 440 -6.07 -16.88 -14.56
CA HIS A 440 -5.71 -16.84 -15.97
C HIS A 440 -6.82 -17.29 -16.93
N ALA A 441 -8.05 -17.42 -16.43
CA ALA A 441 -9.21 -17.83 -17.25
C ALA A 441 -8.91 -19.16 -17.94
N ASN A 442 -8.17 -20.00 -17.23
CA ASN A 442 -7.81 -21.38 -17.66
C ASN A 442 -6.93 -21.39 -18.89
N LEU A 443 -6.20 -20.30 -19.12
CA LEU A 443 -5.21 -20.17 -20.19
C LEU A 443 -3.82 -20.38 -19.63
N PRO A 444 -2.85 -20.72 -20.50
CA PRO A 444 -1.45 -20.79 -20.02
C PRO A 444 -0.89 -19.40 -19.74
N ARG A 445 0.22 -19.37 -19.04
CA ARG A 445 0.86 -18.10 -18.74
CA ARG A 445 0.88 -18.10 -18.74
C ARG A 445 1.19 -17.36 -20.03
N ASP A 446 0.93 -16.05 -20.03
CA ASP A 446 1.19 -15.21 -21.20
C ASP A 446 2.29 -14.21 -20.84
N PRO A 447 3.51 -14.47 -21.28
CA PRO A 447 4.61 -13.57 -20.92
C PRO A 447 4.44 -12.15 -21.49
N TYR A 448 3.59 -11.99 -22.50
CA TYR A 448 3.41 -10.72 -23.25
C TYR A 448 2.20 -9.92 -22.73
N VAL A 449 1.53 -10.40 -21.68
CA VAL A 449 0.27 -9.77 -21.28
C VAL A 449 0.50 -8.37 -20.72
N ASP A 450 -0.47 -7.50 -20.91
CA ASP A 450 -0.47 -6.16 -20.28
C ASP A 450 0.81 -5.38 -20.55
N PRO A 451 1.18 -5.23 -21.82
CA PRO A 451 2.36 -4.41 -22.14
C PRO A 451 2.16 -2.96 -21.69
N MET A 452 3.27 -2.35 -21.35
CA MET A 452 3.28 -0.98 -20.85
CA MET A 452 3.27 -0.98 -20.82
CA MET A 452 3.26 -0.99 -20.82
CA MET A 452 3.25 -0.97 -20.89
C MET A 452 4.02 -0.06 -21.77
N ALA A 453 3.43 1.10 -22.03
CA ALA A 453 4.06 2.12 -22.83
C ALA A 453 5.14 2.80 -21.97
N PRO A 454 6.12 3.42 -22.62
CA PRO A 454 7.05 4.23 -21.86
C PRO A 454 6.29 5.25 -20.97
N LEU A 455 6.71 5.38 -19.72
CA LEU A 455 5.96 6.16 -18.75
C LEU A 455 5.99 7.65 -19.17
N PRO A 456 4.83 8.29 -19.42
CA PRO A 456 4.78 9.72 -19.72
C PRO A 456 4.90 10.58 -18.46
N ARG A 457 5.29 11.81 -18.64
CA ARG A 457 5.36 12.76 -17.55
C ARG A 457 3.99 13.00 -16.96
N SER A 458 3.95 13.17 -15.65
CA SER A 458 2.73 13.54 -14.93
C SER A 458 2.09 14.76 -15.58
N GLY A 459 0.77 14.76 -15.64
CA GLY A 459 0.01 15.91 -16.06
C GLY A 459 0.07 17.04 -15.05
N PRO A 460 -0.59 18.16 -15.40
CA PRO A 460 -0.54 19.32 -14.56
C PRO A 460 -0.93 19.08 -13.13
N GLU A 461 -0.17 19.63 -12.20
CA GLU A 461 -0.54 19.61 -10.80
C GLU A 461 -1.89 20.27 -10.63
N ILE A 462 -2.74 19.62 -9.85
CA ILE A 462 -4.06 20.10 -9.50
C ILE A 462 -4.09 20.37 -7.99
N SER A 463 -4.88 21.38 -7.64
CA SER A 463 -4.97 21.80 -6.25
C SER A 463 -5.72 20.80 -5.39
N ILE A 464 -5.56 20.91 -4.07
CA ILE A 464 -6.34 20.08 -3.16
C ILE A 464 -7.85 20.30 -3.38
N GLU A 465 -8.26 21.55 -3.63
CA GLU A 465 -9.67 21.79 -3.89
C GLU A 465 -10.17 21.03 -5.12
N MET A 466 -9.37 20.98 -6.17
CA MET A 466 -9.71 20.25 -7.36
C MET A 466 -9.80 18.74 -7.05
N ILE A 467 -8.84 18.22 -6.29
CA ILE A 467 -8.90 16.80 -5.92
C ILE A 467 -10.17 16.47 -5.15
N LEU A 468 -10.54 17.37 -4.24
CA LEU A 468 -11.65 17.11 -3.36
C LEU A 468 -13.00 17.19 -4.06
N GLN A 469 -13.06 17.66 -5.29
CA GLN A 469 -14.31 17.55 -6.04
CA GLN A 469 -14.29 17.56 -6.07
C GLN A 469 -14.77 16.11 -6.17
N ALA A 470 -13.84 15.17 -6.11
CA ALA A 470 -14.14 13.74 -6.21
C ALA A 470 -14.83 13.17 -4.97
N ALA A 471 -14.87 13.89 -3.86
CA ALA A 471 -15.43 13.36 -2.64
C ALA A 471 -16.92 13.23 -2.64
N GLN A 472 -17.59 14.10 -3.38
CA GLN A 472 -19.06 14.19 -3.35
CA GLN A 472 -19.05 14.15 -3.36
C GLN A 472 -19.56 14.58 -4.72
N PRO A 473 -20.77 14.13 -5.08
CA PRO A 473 -21.56 13.13 -4.38
C PRO A 473 -20.90 11.75 -4.34
N LYS A 474 -21.15 11.05 -3.25
CA LYS A 474 -20.70 9.68 -3.15
C LYS A 474 -21.53 8.80 -4.03
N LEU A 475 -20.88 7.99 -4.86
CA LEU A 475 -21.58 7.09 -5.78
C LEU A 475 -21.58 5.66 -5.29
N GLN A 476 -22.61 4.92 -5.65
CA GLN A 476 -22.66 3.50 -5.36
C GLN A 476 -21.55 2.76 -6.11
N PRO A 477 -21.09 1.64 -5.56
CA PRO A 477 -20.06 0.89 -6.27
C PRO A 477 -20.65 0.25 -7.52
N PHE A 478 -19.79 -0.15 -8.43
CA PHE A 478 -20.21 -0.99 -9.54
C PHE A 478 -20.71 -2.29 -8.98
N PRO A 479 -21.63 -2.94 -9.69
CA PRO A 479 -22.17 -4.23 -9.19
C PRO A 479 -21.15 -5.34 -9.17
N PHE A 480 -21.04 -6.06 -8.06
CA PHE A 480 -20.14 -7.22 -7.93
C PHE A 480 -21.03 -8.48 -7.74
N GLN A 481 -20.70 -9.55 -8.45
CA GLN A 481 -21.35 -10.85 -8.26
C GLN A 481 -21.08 -11.36 -6.86
N GLU A 482 -22.05 -12.08 -6.30
CA GLU A 482 -21.88 -12.63 -4.97
C GLU A 482 -20.75 -13.69 -4.95
N HIS A 483 -20.68 -14.48 -6.02
CA HIS A 483 -19.71 -15.56 -6.15
C HIS A 483 -19.11 -15.55 -7.54
N THR A 484 -17.85 -15.98 -7.60
CA THR A 484 -17.18 -16.15 -8.88
C THR A 484 -17.92 -17.15 -9.77
N ASP A 485 -17.91 -16.88 -11.07
CA ASP A 485 -18.37 -17.84 -12.07
C ASP A 485 -17.30 -18.83 -12.51
N LEU A 486 -16.09 -18.75 -11.91
CA LEU A 486 -14.98 -19.63 -12.31
C LEU A 486 -14.22 -20.11 -11.07
N PRO A 487 -14.96 -20.81 -10.19
CA PRO A 487 -14.35 -21.17 -8.90
C PRO A 487 -13.26 -22.21 -9.03
N VAL A 488 -12.45 -22.33 -7.99
CA VAL A 488 -11.42 -23.36 -7.93
CA VAL A 488 -11.42 -23.37 -7.98
C VAL A 488 -12.00 -24.80 -8.13
N GLY A 489 -13.11 -25.09 -7.45
CA GLY A 489 -13.74 -26.41 -7.53
C GLY A 489 -13.32 -27.07 -6.26
C1 GLC B . -6.78 -13.09 13.91
C2 GLC B . -7.89 -12.82 12.90
C3 GLC B . -7.65 -11.47 12.24
C4 GLC B . -7.30 -10.34 13.20
C5 GLC B . -6.38 -10.73 14.36
C6 GLC B . -6.56 -9.76 15.53
O2 GLC B . -7.89 -13.86 11.90
O3 GLC B . -8.77 -11.05 11.47
O4 GLC B . -6.67 -9.32 12.38
O5 GLC B . -6.68 -12.03 14.88
O6 GLC B . -5.29 -9.26 15.94
C1 GLC B . -7.21 -7.99 12.45
C2 GLC B . -7.67 -7.53 11.07
C3 GLC B . -6.51 -7.45 10.08
C4 GLC B . -5.38 -6.58 10.73
C5 GLC B . -5.02 -7.01 12.17
C6 GLC B . -3.98 -6.14 12.91
O2 GLC B . -8.67 -8.47 10.66
O3 GLC B . -6.94 -7.02 8.76
O4 GLC B . -4.22 -6.74 9.94
O5 GLC B . -6.22 -7.09 12.95
O6 GLC B . -3.70 -6.78 14.18
C1 GLC B . -3.71 -5.54 9.36
C2 GLC B . -3.55 -5.89 7.90
C3 GLC B . -2.58 -7.07 7.70
C4 GLC B . -1.27 -6.84 8.45
C5 GLC B . -1.49 -6.35 9.90
C6 GLC B . -0.21 -5.85 10.57
O2 GLC B . -4.82 -6.33 7.36
O3 GLC B . -2.38 -7.26 6.27
O4 GLC B . -0.65 -8.12 8.49
O5 GLC B . -2.45 -5.27 9.99
O6 GLC B . 0.41 -4.80 9.81
C1 GLC B . 0.71 -8.25 8.02
C2 GLC B . 0.82 -9.57 7.23
C3 GLC B . 0.55 -10.76 8.13
C4 GLC B . 1.41 -10.69 9.40
C5 GLC B . 1.26 -9.33 10.09
C6 GLC B . 2.15 -9.25 11.33
O2 GLC B . -0.11 -9.63 6.13
O3 GLC B . 0.79 -11.98 7.43
O4 GLC B . 0.94 -11.68 10.29
O5 GLC B . 1.60 -8.30 9.15
O6 GLC B . 3.48 -9.58 10.95
C1 GLC B . 1.90 -12.65 10.75
C2 GLC B . 1.56 -14.01 10.15
C3 GLC B . 0.16 -14.45 10.57
C4 GLC B . -0.11 -14.28 12.08
C5 GLC B . 0.47 -13.00 12.67
C6 GLC B . 0.49 -13.10 14.19
O2 GLC B . 1.67 -13.96 8.72
O3 GLC B . -0.01 -15.83 10.22
O4 GLC B . -1.54 -14.24 12.27
O5 GLC B . 1.80 -12.74 12.18
O6 GLC B . -0.01 -11.88 14.77
C1 GLC B . -2.11 -15.42 12.87
C2 GLC B . -3.24 -16.00 12.02
C3 GLC B . -4.60 -15.29 12.20
C4 GLC B . -4.82 -14.45 13.47
C5 GLC B . -3.55 -14.07 14.25
C6 GLC B . -3.86 -13.81 15.73
O2 GLC B . -2.89 -16.03 10.62
O3 GLC B . -5.56 -16.38 12.24
O4 GLC B . -5.54 -13.23 13.20
O5 GLC B . -2.57 -15.13 14.19
O6 GLC B . -3.33 -12.55 16.12
C1 EDO C . 2.84 5.84 18.40
O1 EDO C . 2.78 4.55 19.05
C2 EDO C . 1.79 5.84 17.28
O2 EDO C . 2.27 5.12 16.17
C1 EDO D . -3.28 22.16 17.07
O1 EDO D . -3.73 21.69 18.31
C2 EDO D . -1.79 22.26 16.92
O2 EDO D . -1.15 22.93 18.03
#